data_4EFK
#
_entry.id   4EFK
#
_cell.length_a   48.449
_cell.length_b   71.776
_cell.length_c   81.980
_cell.angle_alpha   90.00
_cell.angle_beta   99.55
_cell.angle_gamma   90.00
#
_symmetry.space_group_name_H-M   'P 1 21 1'
#
loop_
_entity.id
_entity.type
_entity.pdbx_description
1 polymer 'Pantothenate synthetase'
2 non-polymer N,N-dimethylthiophene-3-sulfonamide
3 non-polymer GLYCEROL
4 non-polymer ETHANOL
5 non-polymer IMIDAZOLE
6 non-polymer 'SULFATE ION'
7 water water
#
_entity_poly.entity_id   1
_entity_poly.type   'polypeptide(L)'
_entity_poly.pdbx_seq_one_letter_code
;MAIPAFHPGELNVYSAPGDVADVSRALRLTGRRVMLVPTMGALHEGHLALVRAAKRVPGSVVVVSIFVNPMQFGAGGDLD
AYPRTPDDDLAQLRAEGVEIAFTPTTAAMYPDGLRTTVQPGPLAAELEGGPRPTHFAGVLTVVLKLLQIVRPDRVFFGEK
DYQQLVLIRQLVADFNLDVAVVGVPTVREADGLAMSSRNRYLDPAQRAAAVALSAALTAAAHAATAGAQAALDAARAVLD
AAPGVAVDYLELRDIGLGPMPLNGSGRLLVAARLGTTRLLDNIAIEIGTFAGTDRPDGYR
;
_entity_poly.pdbx_strand_id   A,B
#
# COMPACT_ATOMS: atom_id res chain seq x y z
N PRO A 4 -11.86 0.62 -23.75
CA PRO A 4 -13.06 1.45 -23.53
C PRO A 4 -12.98 2.81 -24.23
N ALA A 5 -14.13 3.29 -24.74
CA ALA A 5 -14.22 4.63 -25.37
C ALA A 5 -13.86 5.76 -24.42
N PHE A 6 -13.22 6.79 -24.98
CA PHE A 6 -12.99 8.06 -24.27
C PHE A 6 -13.29 9.28 -25.13
N HIS A 7 -14.41 9.94 -24.88
CA HIS A 7 -14.79 11.15 -25.64
C HIS A 7 -14.19 12.41 -24.95
N PRO A 8 -13.18 13.09 -25.56
CA PRO A 8 -12.72 14.26 -24.82
C PRO A 8 -13.74 15.36 -24.87
N GLY A 9 -13.56 16.27 -23.92
CA GLY A 9 -14.47 17.38 -23.68
C GLY A 9 -15.88 16.97 -23.27
N GLU A 10 -16.08 15.69 -22.94
CA GLU A 10 -17.32 15.21 -22.36
C GLU A 10 -16.97 14.41 -21.08
N LEU A 11 -17.97 14.19 -20.27
CA LEU A 11 -17.81 13.39 -19.04
C LEU A 11 -17.96 11.92 -19.39
N ASN A 12 -16.90 11.17 -19.11
CA ASN A 12 -16.82 9.74 -19.38
C ASN A 12 -16.91 9.03 -18.07
N VAL A 13 -17.91 8.18 -17.90
CA VAL A 13 -18.12 7.52 -16.58
C VAL A 13 -17.71 6.07 -16.71
N TYR A 14 -16.76 5.62 -15.87
CA TYR A 14 -16.38 4.22 -15.87
C TYR A 14 -16.64 3.57 -14.51
N SER A 15 -17.20 2.36 -14.50
CA SER A 15 -17.34 1.70 -13.20
C SER A 15 -16.29 0.61 -13.02
N ALA A 16 -15.83 -0.04 -14.08
CA ALA A 16 -14.81 -1.08 -13.88
C ALA A 16 -13.40 -0.54 -13.63
N PRO A 17 -12.70 -1.04 -12.59
CA PRO A 17 -11.33 -0.53 -12.37
C PRO A 17 -10.46 -0.68 -13.64
N GLY A 18 -10.59 -1.82 -14.33
CA GLY A 18 -9.79 -2.05 -15.56
C GLY A 18 -10.03 -1.06 -16.67
N ASP A 19 -11.27 -0.59 -16.74
CA ASP A 19 -11.60 0.46 -17.72
C ASP A 19 -10.89 1.76 -17.41
N VAL A 20 -11.04 2.30 -16.21
CA VAL A 20 -10.39 3.57 -15.93
C VAL A 20 -8.85 3.41 -15.94
N ALA A 21 -8.34 2.23 -15.56
CA ALA A 21 -6.88 2.09 -15.47
C ALA A 21 -6.40 2.15 -16.95
N ASP A 22 -7.12 1.48 -17.85
CA ASP A 22 -6.66 1.46 -19.27
C ASP A 22 -6.71 2.86 -19.92
N VAL A 23 -7.80 3.59 -19.66
CA VAL A 23 -8.01 4.93 -20.17
C VAL A 23 -6.97 5.85 -19.61
N SER A 24 -6.72 5.76 -18.28
CA SER A 24 -5.71 6.62 -17.62
C SER A 24 -4.28 6.43 -18.22
N ARG A 25 -3.88 5.16 -18.36
CA ARG A 25 -2.56 4.76 -18.90
C ARG A 25 -2.39 5.31 -20.32
N ALA A 26 -3.43 5.16 -21.13
CA ALA A 26 -3.41 5.58 -22.54
C ALA A 26 -3.26 7.10 -22.59
N LEU A 27 -4.08 7.80 -21.78
CA LEU A 27 -3.93 9.24 -21.70
C LEU A 27 -2.58 9.69 -21.23
N ARG A 28 -2.00 9.00 -20.26
CA ARG A 28 -0.72 9.44 -19.79
C ARG A 28 0.35 9.21 -20.89
N LEU A 29 0.21 8.12 -21.63
CA LEU A 29 1.20 7.80 -22.65
C LEU A 29 1.18 8.86 -23.72
N THR A 30 0.03 9.49 -23.93
CA THR A 30 -0.09 10.50 -24.95
C THR A 30 0.18 11.91 -24.40
N GLY A 31 0.73 12.02 -23.18
CA GLY A 31 1.19 13.32 -22.63
C GLY A 31 0.31 14.07 -21.64
N ARG A 32 -0.93 13.61 -21.46
CA ARG A 32 -1.82 14.25 -20.52
C ARG A 32 -1.33 13.95 -19.06
N ARG A 33 -1.46 14.90 -18.16
CA ARG A 33 -1.18 14.60 -16.75
C ARG A 33 -2.47 14.26 -16.03
N VAL A 34 -2.49 13.08 -15.40
CA VAL A 34 -3.72 12.59 -14.82
C VAL A 34 -3.84 13.13 -13.39
N MET A 35 -4.96 13.77 -13.12
CA MET A 35 -5.20 14.35 -11.77
C MET A 35 -6.34 13.53 -11.14
N LEU A 36 -6.13 13.12 -9.89
CA LEU A 36 -7.18 12.36 -9.19
C LEU A 36 -7.77 13.19 -8.02
N VAL A 37 -9.11 13.27 -7.99
CA VAL A 37 -9.86 13.89 -6.84
C VAL A 37 -10.72 12.79 -6.23
N PRO A 38 -10.23 12.17 -5.13
CA PRO A 38 -11.09 11.08 -4.58
C PRO A 38 -12.21 11.62 -3.68
N THR A 39 -13.42 11.11 -3.93
CA THR A 39 -14.55 11.63 -3.13
C THR A 39 -15.51 10.49 -2.69
N MET A 40 -16.36 10.83 -1.70
N MET A 40 -16.35 10.78 -1.69
CA MET A 40 -17.49 9.98 -1.26
CA MET A 40 -17.48 9.86 -1.40
C MET A 40 -18.79 10.33 -2.01
C MET A 40 -18.79 10.46 -1.87
N GLY A 41 -18.72 11.26 -2.94
CA GLY A 41 -19.95 11.74 -3.62
C GLY A 41 -20.60 12.82 -2.76
N ALA A 42 -21.88 13.13 -3.06
CA ALA A 42 -22.57 14.24 -2.31
C ALA A 42 -21.77 15.52 -2.36
N LEU A 43 -21.41 15.90 -3.59
CA LEU A 43 -20.45 16.92 -3.88
C LEU A 43 -21.00 18.30 -3.58
N HIS A 44 -20.16 19.12 -2.97
CA HIS A 44 -20.49 20.52 -2.68
C HIS A 44 -19.33 21.41 -3.17
N GLU A 45 -19.43 22.73 -2.92
CA GLU A 45 -18.42 23.64 -3.44
C GLU A 45 -16.98 23.37 -2.94
N GLY A 46 -16.86 22.72 -1.78
CA GLY A 46 -15.55 22.31 -1.26
C GLY A 46 -14.91 21.23 -2.16
N HIS A 47 -15.73 20.32 -2.65
CA HIS A 47 -15.20 19.36 -3.65
C HIS A 47 -14.89 20.06 -4.98
N LEU A 48 -15.73 21.02 -5.38
CA LEU A 48 -15.53 21.75 -6.65
C LEU A 48 -14.22 22.55 -6.60
N ALA A 49 -13.82 23.02 -5.42
CA ALA A 49 -12.53 23.67 -5.25
C ALA A 49 -11.37 22.70 -5.60
N LEU A 50 -11.47 21.41 -5.16
CA LEU A 50 -10.45 20.44 -5.54
C LEU A 50 -10.45 20.22 -7.04
N VAL A 51 -11.65 20.09 -7.62
CA VAL A 51 -11.74 19.83 -9.07
C VAL A 51 -11.06 21.03 -9.83
N ARG A 52 -11.35 22.25 -9.37
CA ARG A 52 -10.84 23.42 -10.07
C ARG A 52 -9.35 23.54 -9.93
N ALA A 53 -8.80 23.15 -8.77
CA ALA A 53 -7.35 23.09 -8.60
C ALA A 53 -6.69 22.05 -9.51
N ALA A 54 -7.31 20.88 -9.66
CA ALA A 54 -6.82 19.82 -10.55
C ALA A 54 -6.88 20.33 -12.01
N LYS A 55 -8.01 20.93 -12.39
CA LYS A 55 -8.20 21.41 -13.77
C LYS A 55 -7.13 22.41 -14.19
N ARG A 56 -6.69 23.20 -13.24
CA ARG A 56 -5.73 24.23 -13.58
C ARG A 56 -4.31 23.80 -13.85
N VAL A 57 -3.99 22.53 -13.58
CA VAL A 57 -2.67 22.00 -13.96
C VAL A 57 -2.62 21.86 -15.47
N PRO A 58 -1.59 22.48 -16.12
CA PRO A 58 -1.67 22.43 -17.60
C PRO A 58 -1.57 21.01 -18.16
N GLY A 59 -2.32 20.69 -19.19
CA GLY A 59 -2.23 19.34 -19.76
C GLY A 59 -3.08 18.34 -18.91
N SER A 60 -3.76 18.84 -17.89
N SER A 60 -3.88 18.88 -18.01
CA SER A 60 -4.51 17.95 -16.93
CA SER A 60 -4.72 18.03 -17.14
C SER A 60 -5.70 17.25 -17.60
C SER A 60 -5.66 17.11 -17.88
N VAL A 61 -5.88 15.95 -17.28
CA VAL A 61 -7.18 15.27 -17.48
C VAL A 61 -7.63 15.00 -16.03
N VAL A 62 -8.89 15.30 -15.67
CA VAL A 62 -9.27 15.23 -14.27
C VAL A 62 -10.11 13.93 -14.11
N VAL A 63 -9.68 13.08 -13.18
CA VAL A 63 -10.50 11.90 -12.76
C VAL A 63 -11.09 12.20 -11.36
N VAL A 64 -12.41 12.10 -11.23
CA VAL A 64 -13.05 12.30 -9.92
C VAL A 64 -13.60 10.94 -9.59
N SER A 65 -13.14 10.34 -8.50
CA SER A 65 -13.74 9.08 -8.12
C SER A 65 -14.82 9.32 -7.10
N ILE A 66 -15.82 8.44 -7.14
CA ILE A 66 -16.98 8.46 -6.14
C ILE A 66 -17.11 7.05 -5.60
N PHE A 67 -16.85 6.88 -4.32
CA PHE A 67 -16.99 5.54 -3.71
C PHE A 67 -17.17 5.69 -2.20
N VAL A 68 -18.09 4.88 -1.65
CA VAL A 68 -18.26 4.82 -0.17
C VAL A 68 -17.99 3.39 0.32
N ASN A 69 -17.15 3.15 1.33
CA ASN A 69 -16.91 1.79 1.92
C ASN A 69 -18.21 1.13 2.43
N PRO A 70 -18.35 -0.20 2.31
CA PRO A 70 -19.65 -0.77 2.70
C PRO A 70 -19.71 -0.75 4.23
N MET A 71 -20.87 -0.51 4.85
CA MET A 71 -20.84 -0.55 6.33
C MET A 71 -21.56 -1.85 6.79
N GLN A 72 -20.79 -2.94 6.94
CA GLN A 72 -21.38 -4.29 7.14
C GLN A 72 -22.00 -4.53 8.53
N PHE A 73 -21.46 -3.86 9.57
CA PHE A 73 -21.91 -4.06 10.97
C PHE A 73 -22.42 -2.79 11.66
N ALA A 81 -26.41 5.82 6.63
CA ALA A 81 -26.77 7.22 6.80
C ALA A 81 -26.12 8.17 5.77
N TYR A 82 -25.00 7.74 5.16
CA TYR A 82 -24.21 8.64 4.29
C TYR A 82 -24.98 9.11 3.02
N PRO A 83 -24.99 10.47 2.74
CA PRO A 83 -25.78 11.03 1.60
C PRO A 83 -25.34 10.53 0.22
N ARG A 84 -26.26 9.90 -0.52
N ARG A 84 -26.28 9.88 -0.46
CA ARG A 84 -25.93 9.29 -1.85
CA ARG A 84 -26.07 9.36 -1.80
C ARG A 84 -26.70 9.90 -3.02
C ARG A 84 -26.87 10.22 -2.76
N THR A 85 -26.18 10.99 -3.59
CA THR A 85 -26.82 11.72 -4.71
C THR A 85 -26.06 11.60 -6.10
N PRO A 86 -25.98 10.38 -6.74
CA PRO A 86 -25.10 10.04 -7.95
C PRO A 86 -25.29 10.83 -9.25
N ASP A 87 -26.53 10.80 -9.79
CA ASP A 87 -27.02 11.65 -10.90
C ASP A 87 -26.49 13.05 -10.74
N ASP A 88 -26.93 13.63 -9.62
CA ASP A 88 -26.61 14.98 -9.25
C ASP A 88 -25.09 15.30 -9.16
N ASP A 89 -24.31 14.41 -8.51
CA ASP A 89 -22.85 14.48 -8.61
C ASP A 89 -22.25 14.56 -10.04
N LEU A 90 -22.70 13.64 -10.90
CA LEU A 90 -22.23 13.61 -12.30
C LEU A 90 -22.61 14.91 -13.04
N ALA A 91 -23.82 15.44 -12.82
CA ALA A 91 -24.19 16.77 -13.38
C ALA A 91 -23.27 17.91 -12.99
N GLN A 92 -22.92 17.97 -11.72
CA GLN A 92 -21.94 18.95 -11.27
C GLN A 92 -20.62 18.76 -11.96
N LEU A 93 -20.19 17.50 -12.07
CA LEU A 93 -18.93 17.22 -12.80
C LEU A 93 -18.97 17.68 -14.27
N ARG A 94 -20.05 17.35 -14.98
N ARG A 94 -20.07 17.36 -14.95
CA ARG A 94 -20.21 17.79 -16.38
CA ARG A 94 -20.27 17.76 -16.35
C ARG A 94 -20.07 19.32 -16.46
C ARG A 94 -20.23 19.28 -16.53
N ALA A 95 -20.75 20.01 -15.55
CA ALA A 95 -20.73 21.48 -15.51
C ALA A 95 -19.32 22.01 -15.25
N GLU A 96 -18.50 21.23 -14.55
CA GLU A 96 -17.13 21.63 -14.32
C GLU A 96 -16.23 21.23 -15.48
N GLY A 97 -16.73 20.54 -16.49
CA GLY A 97 -15.88 20.09 -17.60
C GLY A 97 -14.87 18.99 -17.20
N VAL A 98 -15.14 18.27 -16.10
CA VAL A 98 -14.39 17.03 -15.79
C VAL A 98 -14.66 15.99 -16.90
N GLU A 99 -13.61 15.31 -17.29
CA GLU A 99 -13.77 14.35 -18.33
C GLU A 99 -13.88 12.90 -17.90
N ILE A 100 -13.51 12.59 -16.65
CA ILE A 100 -13.66 11.17 -16.24
C ILE A 100 -14.23 11.08 -14.79
N ALA A 101 -15.33 10.36 -14.65
CA ALA A 101 -15.83 10.01 -13.31
C ALA A 101 -15.57 8.49 -13.15
N PHE A 102 -15.01 8.07 -12.00
CA PHE A 102 -14.80 6.65 -11.75
C PHE A 102 -15.76 6.24 -10.60
N THR A 103 -16.69 5.33 -10.86
CA THR A 103 -17.78 4.99 -9.88
C THR A 103 -17.76 3.46 -9.68
N PRO A 104 -16.70 2.92 -9.07
CA PRO A 104 -16.64 1.44 -8.92
C PRO A 104 -17.70 0.86 -7.93
N THR A 105 -18.08 -0.37 -8.19
CA THR A 105 -18.98 -1.08 -7.27
C THR A 105 -18.18 -1.57 -6.07
N THR A 106 -18.92 -1.87 -5.00
CA THR A 106 -18.30 -2.54 -3.85
C THR A 106 -17.67 -3.86 -4.18
N ALA A 107 -18.38 -4.66 -4.97
CA ALA A 107 -17.81 -5.92 -5.48
C ALA A 107 -16.50 -5.79 -6.26
N ALA A 108 -16.37 -4.74 -7.07
CA ALA A 108 -15.16 -4.56 -7.87
C ALA A 108 -14.00 -4.14 -6.97
N MET A 109 -14.32 -3.42 -5.91
CA MET A 109 -13.25 -2.95 -4.98
C MET A 109 -12.84 -4.01 -3.99
N TYR A 110 -13.79 -4.84 -3.53
CA TYR A 110 -13.51 -5.82 -2.49
C TYR A 110 -13.97 -7.22 -2.91
N PRO A 111 -13.41 -7.76 -4.01
CA PRO A 111 -13.86 -9.06 -4.47
C PRO A 111 -13.46 -10.15 -3.43
N ASP A 112 -12.46 -9.85 -2.60
CA ASP A 112 -11.97 -10.81 -1.60
C ASP A 112 -12.28 -10.39 -0.21
N GLY A 113 -13.21 -9.45 -0.03
CA GLY A 113 -13.52 -8.89 1.31
C GLY A 113 -12.32 -8.11 1.81
N LEU A 114 -12.10 -8.08 3.11
CA LEU A 114 -10.95 -7.32 3.58
C LEU A 114 -9.90 -8.36 3.84
N ARG A 115 -8.81 -8.31 3.07
CA ARG A 115 -7.83 -9.36 3.16
C ARG A 115 -6.52 -8.59 3.42
N THR A 116 -5.76 -8.21 2.37
CA THR A 116 -4.60 -7.34 2.66
C THR A 116 -5.13 -5.90 2.92
N THR A 117 -4.58 -5.20 3.90
CA THR A 117 -5.05 -3.82 4.14
C THR A 117 -3.88 -3.01 4.59
N VAL A 118 -4.11 -1.70 4.67
CA VAL A 118 -3.09 -0.78 5.14
C VAL A 118 -3.24 -0.61 6.65
N GLN A 119 -2.11 -0.65 7.34
CA GLN A 119 -2.07 -0.38 8.78
C GLN A 119 -1.42 0.98 8.95
N PRO A 120 -2.23 2.05 9.26
CA PRO A 120 -1.61 3.39 9.50
C PRO A 120 -0.71 3.41 10.73
N GLY A 121 0.17 4.42 10.81
CA GLY A 121 0.97 4.67 12.03
C GLY A 121 0.04 5.14 13.18
N PRO A 122 0.64 5.45 14.31
CA PRO A 122 -0.01 5.76 15.59
C PRO A 122 -0.94 6.97 15.54
N LEU A 123 -0.69 7.88 14.59
CA LEU A 123 -1.67 8.98 14.39
C LEU A 123 -3.11 8.54 14.16
N ALA A 124 -3.29 7.39 13.52
CA ALA A 124 -4.63 6.93 13.28
C ALA A 124 -5.43 6.59 14.57
N ALA A 125 -4.75 6.41 15.71
CA ALA A 125 -5.47 6.07 16.97
C ALA A 125 -5.87 7.29 17.77
N GLU A 126 -5.53 8.47 17.27
CA GLU A 126 -5.76 9.74 17.96
C GLU A 126 -6.81 10.55 17.30
N LEU A 127 -7.31 11.59 18.02
CA LEU A 127 -8.29 12.53 17.42
C LEU A 127 -9.48 11.80 16.82
N GLU A 128 -9.70 11.88 15.49
CA GLU A 128 -10.85 11.15 14.89
C GLU A 128 -10.78 9.62 15.11
N GLY A 129 -9.57 9.09 15.26
CA GLY A 129 -9.44 7.64 15.44
C GLY A 129 -9.61 7.15 16.88
N GLY A 130 -9.78 8.06 17.85
CA GLY A 130 -9.73 7.59 19.26
C GLY A 130 -10.83 6.57 19.57
N PRO A 131 -12.09 6.94 19.27
CA PRO A 131 -13.25 6.05 19.40
C PRO A 131 -13.41 5.05 18.26
N ARG A 132 -12.66 5.19 17.16
CA ARG A 132 -12.83 4.31 15.98
C ARG A 132 -11.47 3.97 15.45
N PRO A 133 -10.79 3.13 16.17
CA PRO A 133 -9.44 2.75 15.98
C PRO A 133 -9.15 2.14 14.59
N THR A 134 -10.17 1.64 13.88
CA THR A 134 -9.94 1.08 12.52
C THR A 134 -10.39 1.99 11.38
N HIS A 135 -10.93 3.17 11.70
CA HIS A 135 -11.42 4.05 10.69
C HIS A 135 -10.39 4.44 9.59
N PHE A 136 -9.20 4.85 10.03
CA PHE A 136 -8.30 5.37 8.98
C PHE A 136 -7.66 4.23 8.23
N ALA A 137 -7.58 3.03 8.83
CA ALA A 137 -7.07 1.86 8.01
C ALA A 137 -8.03 1.69 6.80
N GLY A 138 -9.36 1.79 7.03
CA GLY A 138 -10.34 1.74 5.92
C GLY A 138 -10.12 2.79 4.85
N VAL A 139 -9.85 3.99 5.29
CA VAL A 139 -9.63 5.11 4.38
C VAL A 139 -8.35 4.97 3.56
N LEU A 140 -7.24 4.64 4.22
CA LEU A 140 -5.98 4.57 3.53
C LEU A 140 -5.94 3.34 2.59
N THR A 141 -6.65 2.28 2.93
CA THR A 141 -6.68 1.09 2.02
C THR A 141 -7.31 1.53 0.69
N VAL A 142 -8.46 2.20 0.76
N VAL A 142 -8.47 2.20 0.82
CA VAL A 142 -9.09 2.66 -0.50
CA VAL A 142 -9.15 2.75 -0.35
C VAL A 142 -8.25 3.72 -1.22
C VAL A 142 -8.30 3.70 -1.15
N VAL A 143 -7.65 4.65 -0.49
CA VAL A 143 -6.81 5.66 -1.18
C VAL A 143 -5.65 4.93 -1.95
N LEU A 144 -5.03 3.91 -1.32
CA LEU A 144 -3.89 3.22 -1.98
C LEU A 144 -4.47 2.53 -3.20
N LYS A 145 -5.59 1.85 -3.04
CA LYS A 145 -6.15 1.14 -4.23
C LYS A 145 -6.46 2.13 -5.41
N LEU A 146 -7.11 3.23 -5.10
CA LEU A 146 -7.47 4.21 -6.10
C LEU A 146 -6.20 4.76 -6.76
N LEU A 147 -5.14 4.95 -5.98
CA LEU A 147 -3.90 5.47 -6.52
C LEU A 147 -3.27 4.42 -7.46
N GLN A 148 -3.40 3.15 -7.15
CA GLN A 148 -2.85 2.10 -8.04
C GLN A 148 -3.65 1.89 -9.29
N ILE A 149 -4.96 2.10 -9.19
CA ILE A 149 -5.85 1.89 -10.33
C ILE A 149 -5.63 3.04 -11.29
N VAL A 150 -5.58 4.28 -10.75
CA VAL A 150 -5.60 5.45 -11.63
C VAL A 150 -4.18 5.91 -11.96
N ARG A 151 -3.19 5.60 -11.12
N ARG A 151 -3.19 5.70 -11.09
CA ARG A 151 -1.81 6.17 -11.18
CA ARG A 151 -1.79 6.13 -11.32
C ARG A 151 -1.86 7.60 -11.71
C ARG A 151 -1.65 7.64 -11.62
N PRO A 152 -2.38 8.50 -10.86
CA PRO A 152 -2.32 9.92 -11.15
C PRO A 152 -0.93 10.49 -10.91
N ASP A 153 -0.66 11.57 -11.62
CA ASP A 153 0.47 12.44 -11.23
C ASP A 153 0.32 13.19 -9.91
N ARG A 154 -0.90 13.65 -9.63
CA ARG A 154 -1.21 14.44 -8.45
C ARG A 154 -2.59 13.96 -7.97
N VAL A 155 -2.69 13.97 -6.65
CA VAL A 155 -3.97 13.64 -6.02
C VAL A 155 -4.35 14.74 -5.06
N PHE A 156 -5.66 15.11 -5.09
CA PHE A 156 -6.15 16.32 -4.36
C PHE A 156 -7.10 15.99 -3.18
N PHE A 157 -6.76 16.50 -2.02
CA PHE A 157 -7.56 16.37 -0.80
C PHE A 157 -7.83 17.70 -0.11
N GLY A 158 -9.00 17.81 0.55
CA GLY A 158 -9.30 19.03 1.30
C GLY A 158 -8.61 19.07 2.65
N GLU A 159 -8.25 20.29 3.07
CA GLU A 159 -7.67 20.49 4.41
C GLU A 159 -8.74 20.36 5.47
N LYS A 160 -10.01 20.42 5.08
CA LYS A 160 -11.06 20.28 6.09
C LYS A 160 -10.87 18.95 6.89
N ASP A 161 -10.58 17.86 6.16
CA ASP A 161 -10.22 16.60 6.84
C ASP A 161 -8.70 16.51 7.04
N TYR A 162 -8.23 17.34 7.95
CA TYR A 162 -6.80 17.62 8.04
C TYR A 162 -6.07 16.37 8.46
N GLN A 163 -6.59 15.69 9.47
CA GLN A 163 -5.94 14.45 9.92
C GLN A 163 -5.85 13.39 8.85
N GLN A 164 -6.91 13.26 8.06
CA GLN A 164 -6.91 12.37 6.91
C GLN A 164 -5.79 12.78 5.93
N LEU A 165 -5.69 14.11 5.65
CA LEU A 165 -4.65 14.60 4.77
C LEU A 165 -3.25 14.24 5.26
N VAL A 166 -2.98 14.51 6.55
CA VAL A 166 -1.66 14.15 7.12
C VAL A 166 -1.37 12.66 6.95
N LEU A 167 -2.39 11.84 7.22
CA LEU A 167 -2.22 10.37 7.10
C LEU A 167 -1.96 9.91 5.69
N ILE A 168 -2.61 10.57 4.74
CA ILE A 168 -2.38 10.31 3.30
C ILE A 168 -0.94 10.71 2.96
N ARG A 169 -0.41 11.80 3.52
CA ARG A 169 0.95 12.15 3.13
C ARG A 169 1.89 11.11 3.75
N GLN A 170 1.53 10.58 4.94
CA GLN A 170 2.35 9.50 5.53
C GLN A 170 2.32 8.25 4.65
N LEU A 171 1.13 7.83 4.22
CA LEU A 171 1.00 6.72 3.26
C LEU A 171 1.93 6.90 2.05
N VAL A 172 1.78 8.05 1.40
CA VAL A 172 2.61 8.35 0.17
C VAL A 172 4.10 8.29 0.47
N ALA A 173 4.52 8.94 1.57
CA ALA A 173 5.95 8.88 1.96
C ALA A 173 6.41 7.46 2.32
N ASP A 174 5.62 6.75 3.12
CA ASP A 174 6.06 5.47 3.73
C ASP A 174 6.08 4.33 2.70
N PHE A 175 5.21 4.42 1.66
CA PHE A 175 5.24 3.36 0.61
C PHE A 175 5.89 3.84 -0.66
N ASN A 176 6.56 5.02 -0.63
CA ASN A 176 7.30 5.50 -1.81
C ASN A 176 6.40 5.68 -3.03
N LEU A 177 5.14 6.13 -2.79
CA LEU A 177 4.20 6.30 -3.90
C LEU A 177 4.67 7.46 -4.79
N ASP A 178 4.66 7.22 -6.12
N ASP A 178 4.63 7.25 -6.12
CA ASP A 178 5.03 8.27 -7.06
CA ASP A 178 5.13 8.29 -7.04
C ASP A 178 3.79 9.05 -7.38
C ASP A 178 4.01 9.28 -7.44
N VAL A 179 3.42 9.93 -6.46
CA VAL A 179 2.26 10.86 -6.67
C VAL A 179 2.50 12.05 -5.76
N ALA A 180 2.12 13.22 -6.22
CA ALA A 180 2.25 14.39 -5.39
C ALA A 180 0.90 14.61 -4.72
N VAL A 181 0.94 14.88 -3.43
CA VAL A 181 -0.34 15.12 -2.68
C VAL A 181 -0.55 16.65 -2.59
N VAL A 182 -1.71 17.12 -3.07
CA VAL A 182 -2.05 18.54 -3.06
C VAL A 182 -3.14 18.75 -2.05
N GLY A 183 -2.80 19.47 -0.96
CA GLY A 183 -3.78 19.91 0.04
C GLY A 183 -4.49 21.18 -0.43
N VAL A 184 -5.82 21.22 -0.42
CA VAL A 184 -6.59 22.37 -0.88
C VAL A 184 -7.34 23.02 0.31
N PRO A 185 -7.21 24.34 0.46
CA PRO A 185 -7.85 24.97 1.61
C PRO A 185 -9.35 24.75 1.68
N THR A 186 -9.84 24.67 2.92
CA THR A 186 -11.26 24.53 3.16
C THR A 186 -12.10 25.69 2.52
N VAL A 187 -13.25 25.34 2.01
CA VAL A 187 -14.17 26.35 1.44
C VAL A 187 -15.24 26.59 2.51
N ARG A 188 -15.64 27.84 2.69
CA ARG A 188 -16.52 28.17 3.82
C ARG A 188 -17.74 28.95 3.31
N GLU A 189 -18.85 28.74 3.98
CA GLU A 189 -20.07 29.54 3.83
C GLU A 189 -19.78 30.97 4.25
N ALA A 190 -20.72 31.89 3.91
CA ALA A 190 -20.42 33.31 4.15
C ALA A 190 -20.14 33.66 5.63
N ASP A 191 -20.77 32.94 6.56
CA ASP A 191 -20.52 33.18 7.97
C ASP A 191 -19.26 32.48 8.54
N GLY A 192 -18.54 31.72 7.68
CA GLY A 192 -17.40 30.93 8.19
C GLY A 192 -17.56 29.39 8.29
N LEU A 193 -18.79 28.88 8.25
CA LEU A 193 -19.02 27.44 8.50
C LEU A 193 -18.28 26.66 7.37
N ALA A 194 -17.49 25.67 7.73
CA ALA A 194 -16.75 24.87 6.72
C ALA A 194 -17.77 24.08 5.91
N MET A 195 -17.67 24.07 4.58
N MET A 195 -17.60 24.03 4.58
CA MET A 195 -18.59 23.22 3.78
CA MET A 195 -18.38 23.13 3.70
C MET A 195 -18.33 21.74 4.03
C MET A 195 -18.27 21.67 4.18
N SER A 196 -19.41 20.98 4.25
CA SER A 196 -19.42 19.54 4.55
C SER A 196 -20.75 18.96 4.04
N SER A 197 -20.70 17.69 3.53
CA SER A 197 -21.92 16.94 3.18
C SER A 197 -22.82 16.82 4.44
N ARG A 198 -22.20 16.83 5.60
CA ARG A 198 -22.98 16.74 6.86
C ARG A 198 -23.73 17.97 7.29
N ASN A 199 -23.46 19.13 6.71
CA ASN A 199 -24.18 20.35 7.07
C ASN A 199 -25.67 20.26 6.77
N ARG A 200 -26.06 19.41 5.80
CA ARG A 200 -27.52 19.29 5.47
C ARG A 200 -28.31 18.70 6.64
N TYR A 201 -27.61 18.06 7.58
CA TYR A 201 -28.26 17.42 8.73
C TYR A 201 -28.52 18.35 9.89
N LEU A 202 -28.13 19.63 9.75
CA LEU A 202 -28.36 20.64 10.77
C LEU A 202 -29.70 21.36 10.53
N ASP A 203 -30.50 21.42 11.58
CA ASP A 203 -31.74 22.18 11.47
C ASP A 203 -31.40 23.65 11.59
N PRO A 204 -32.40 24.55 11.46
CA PRO A 204 -32.00 25.99 11.41
C PRO A 204 -31.30 26.57 12.64
N ALA A 205 -31.76 26.14 13.82
CA ALA A 205 -31.13 26.50 15.05
C ALA A 205 -29.71 25.96 15.11
N GLN A 206 -29.54 24.71 14.65
CA GLN A 206 -28.24 24.02 14.73
C GLN A 206 -27.32 24.67 13.73
N ARG A 207 -27.84 25.09 12.59
CA ARG A 207 -27.02 25.74 11.58
C ARG A 207 -26.54 27.08 12.13
N ALA A 208 -27.42 27.77 12.84
CA ALA A 208 -27.05 29.04 13.51
C ALA A 208 -25.96 28.88 14.56
N ALA A 209 -26.10 27.88 15.42
CA ALA A 209 -25.11 27.57 16.47
C ALA A 209 -23.75 27.11 15.92
N ALA A 210 -23.77 26.42 14.79
CA ALA A 210 -22.57 25.82 14.25
C ALA A 210 -21.49 26.84 13.78
N VAL A 211 -21.88 28.10 13.57
CA VAL A 211 -20.90 29.14 13.28
C VAL A 211 -19.83 29.22 14.38
N ALA A 212 -20.14 28.72 15.56
CA ALA A 212 -19.20 28.87 16.71
C ALA A 212 -17.89 28.11 16.44
N LEU A 213 -17.93 27.03 15.65
CA LEU A 213 -16.63 26.35 15.38
C LEU A 213 -15.68 27.22 14.67
N SER A 214 -16.12 27.81 13.60
CA SER A 214 -15.19 28.63 12.82
C SER A 214 -14.88 29.93 13.57
N ALA A 215 -15.88 30.52 14.27
CA ALA A 215 -15.61 31.73 15.10
C ALA A 215 -14.53 31.45 16.15
N ALA A 216 -14.61 30.29 16.80
CA ALA A 216 -13.68 29.91 17.87
C ALA A 216 -12.27 29.80 17.27
N LEU A 217 -12.17 29.06 16.16
CA LEU A 217 -10.88 28.90 15.49
C LEU A 217 -10.24 30.20 15.03
N THR A 218 -11.04 31.09 14.46
N THR A 218 -11.04 31.08 14.43
CA THR A 218 -10.46 32.32 13.91
CA THR A 218 -10.49 32.34 13.91
C THR A 218 -10.20 33.32 15.04
C THR A 218 -10.12 33.22 15.11
N ALA A 219 -10.99 33.24 16.11
CA ALA A 219 -10.65 34.00 17.38
C ALA A 219 -9.26 33.53 17.90
N ALA A 220 -9.09 32.22 17.98
CA ALA A 220 -7.78 31.66 18.41
C ALA A 220 -6.63 32.03 17.48
N ALA A 221 -6.83 32.02 16.16
CA ALA A 221 -5.72 32.31 15.26
C ALA A 221 -5.24 33.78 15.52
N HIS A 222 -6.18 34.70 15.86
CA HIS A 222 -5.83 36.12 16.10
C HIS A 222 -5.33 36.37 17.52
N ALA A 223 -5.81 35.59 18.46
CA ALA A 223 -5.42 35.64 19.89
C ALA A 223 -3.96 35.16 20.03
N ALA A 224 -3.47 34.42 19.01
CA ALA A 224 -2.22 33.65 19.21
C ALA A 224 -1.00 34.54 19.33
N THR A 225 -1.12 35.83 19.02
CA THR A 225 0.02 36.76 19.32
C THR A 225 0.28 36.76 20.80
N ALA A 226 -0.72 36.42 21.59
CA ALA A 226 -0.56 36.30 23.05
C ALA A 226 -0.10 34.94 23.57
N GLY A 227 0.15 34.01 22.67
CA GLY A 227 0.67 32.71 23.12
C GLY A 227 -0.36 31.61 22.90
N ALA A 228 0.10 30.37 23.03
CA ALA A 228 -0.75 29.18 22.76
C ALA A 228 -1.91 29.07 23.72
N GLN A 229 -1.68 29.34 24.98
CA GLN A 229 -2.74 29.24 25.98
C GLN A 229 -3.84 30.27 25.80
N ALA A 230 -3.46 31.50 25.50
CA ALA A 230 -4.45 32.53 25.20
C ALA A 230 -5.26 32.13 23.97
N ALA A 231 -4.59 31.57 22.97
CA ALA A 231 -5.32 31.18 21.72
C ALA A 231 -6.31 30.09 22.08
N LEU A 232 -5.87 29.09 22.84
CA LEU A 232 -6.76 28.02 23.24
C LEU A 232 -7.90 28.47 24.10
N ASP A 233 -7.60 29.38 25.03
CA ASP A 233 -8.66 29.83 25.95
C ASP A 233 -9.70 30.70 25.18
N ALA A 234 -9.25 31.50 24.17
CA ALA A 234 -10.18 32.31 23.32
C ALA A 234 -11.15 31.31 22.58
N ALA A 235 -10.59 30.28 21.93
CA ALA A 235 -11.48 29.26 21.28
C ALA A 235 -12.46 28.61 22.24
N ARG A 236 -11.95 28.21 23.40
CA ARG A 236 -12.85 27.53 24.35
C ARG A 236 -13.98 28.43 24.81
N ALA A 237 -13.64 29.71 25.02
CA ALA A 237 -14.66 30.64 25.50
C ALA A 237 -15.76 30.76 24.47
N VAL A 238 -15.38 30.78 23.20
CA VAL A 238 -16.41 31.03 22.15
C VAL A 238 -17.29 29.75 22.08
N LEU A 239 -16.67 28.57 22.07
CA LEU A 239 -17.44 27.29 22.08
C LEU A 239 -18.33 27.19 23.34
N ASP A 240 -17.80 27.56 24.50
CA ASP A 240 -18.57 27.64 25.81
C ASP A 240 -19.77 28.60 25.70
N ALA A 241 -19.73 29.58 24.80
CA ALA A 241 -20.83 30.55 24.69
C ALA A 241 -21.92 30.04 23.71
N ALA A 242 -21.72 28.85 23.14
CA ALA A 242 -22.61 28.36 22.03
C ALA A 242 -23.55 27.26 22.51
N PRO A 243 -24.87 27.48 22.36
CA PRO A 243 -25.79 26.74 23.23
C PRO A 243 -25.76 25.24 22.94
N GLY A 244 -26.03 24.88 21.69
CA GLY A 244 -26.22 23.49 21.35
C GLY A 244 -24.98 22.81 20.88
N VAL A 245 -23.81 23.34 21.23
CA VAL A 245 -22.56 22.73 20.72
C VAL A 245 -21.93 21.89 21.81
N ALA A 246 -21.73 20.60 21.54
CA ALA A 246 -21.06 19.71 22.51
C ALA A 246 -19.70 19.32 22.00
N VAL A 247 -18.66 19.89 22.60
CA VAL A 247 -17.29 19.68 22.07
C VAL A 247 -16.78 18.30 22.36
N ASP A 248 -16.30 17.57 21.36
CA ASP A 248 -15.65 16.27 21.54
C ASP A 248 -14.19 16.54 21.81
N TYR A 249 -13.51 17.30 20.94
CA TYR A 249 -12.14 17.69 21.29
C TYR A 249 -11.79 19.10 20.71
N LEU A 250 -10.80 19.75 21.33
CA LEU A 250 -10.25 20.99 20.81
C LEU A 250 -8.76 20.91 21.10
N GLU A 251 -7.88 20.76 20.05
CA GLU A 251 -6.45 20.43 20.33
C GLU A 251 -5.57 21.24 19.44
N LEU A 252 -4.48 21.74 20.00
CA LEU A 252 -3.48 22.44 19.23
C LEU A 252 -2.28 21.52 19.03
N ARG A 253 -1.91 21.23 17.79
CA ARG A 253 -0.83 20.29 17.50
C ARG A 253 0.15 20.92 16.55
N ASP A 254 1.30 20.28 16.37
N ASP A 254 1.27 20.23 16.38
CA ASP A 254 2.19 20.76 15.30
CA ASP A 254 2.18 20.59 15.33
C ASP A 254 1.57 20.36 13.98
C ASP A 254 1.47 20.43 13.97
N ILE A 255 2.00 20.99 12.89
CA ILE A 255 1.41 20.83 11.56
C ILE A 255 1.33 19.37 11.06
N GLY A 256 2.20 18.49 11.56
CA GLY A 256 2.15 17.06 11.15
C GLY A 256 1.39 16.24 12.16
N LEU A 257 0.78 16.93 13.14
CA LEU A 257 -0.11 16.36 14.13
C LEU A 257 0.58 15.55 15.17
N GLY A 258 1.89 15.79 15.30
N GLY A 258 1.92 15.55 15.16
CA GLY A 258 2.59 15.55 16.56
CA GLY A 258 2.72 14.89 16.23
C GLY A 258 2.06 16.51 17.61
C GLY A 258 3.42 13.62 15.77
N PRO A 259 1.88 16.01 18.84
N PRO A 259 4.60 13.32 16.35
CA PRO A 259 1.34 16.86 19.88
CA PRO A 259 5.20 12.02 16.13
C PRO A 259 2.13 18.16 20.08
C PRO A 259 5.86 11.60 17.43
N LEU A 262 4.81 21.20 20.02
CA LEU A 262 4.34 22.37 19.29
C LEU A 262 5.37 23.54 19.38
N ASN A 263 5.65 24.18 18.25
CA ASN A 263 6.68 25.24 18.21
C ASN A 263 6.14 26.67 17.97
N GLY A 264 6.42 27.17 16.77
CA GLY A 264 5.92 28.47 16.32
C GLY A 264 4.72 28.34 15.39
N SER A 265 4.54 27.17 14.81
CA SER A 265 3.46 26.94 13.86
C SER A 265 2.71 25.72 14.28
N GLY A 266 1.39 25.80 14.17
CA GLY A 266 0.60 24.71 14.69
C GLY A 266 -0.68 24.62 13.85
N ARG A 267 -1.45 23.62 14.20
CA ARG A 267 -2.78 23.48 13.64
C ARG A 267 -3.71 23.31 14.82
N LEU A 268 -4.81 24.07 14.84
CA LEU A 268 -5.83 23.91 15.85
C LEU A 268 -7.04 23.17 15.32
N LEU A 269 -7.41 22.10 16.00
CA LEU A 269 -8.44 21.20 15.47
C LEU A 269 -9.57 21.11 16.44
N VAL A 270 -10.79 21.12 15.89
CA VAL A 270 -12.00 20.97 16.75
C VAL A 270 -12.96 19.95 16.15
N ALA A 271 -13.63 19.19 17.03
CA ALA A 271 -14.74 18.37 16.69
C ALA A 271 -15.82 18.57 17.69
N ALA A 272 -17.07 18.69 17.20
CA ALA A 272 -18.24 19.02 18.05
C ALA A 272 -19.47 18.37 17.49
N ARG A 273 -20.41 18.12 18.39
N ARG A 273 -20.43 18.10 18.37
CA ARG A 273 -21.71 17.58 18.04
CA ARG A 273 -21.69 17.49 17.93
C ARG A 273 -22.74 18.67 18.12
C ARG A 273 -22.78 18.54 18.13
N LEU A 274 -23.56 18.74 17.08
CA LEU A 274 -24.76 19.55 17.12
C LEU A 274 -25.98 18.58 16.98
N GLY A 275 -26.64 18.29 18.09
CA GLY A 275 -27.59 17.12 18.09
C GLY A 275 -26.83 15.86 17.71
N THR A 276 -27.28 15.18 16.63
CA THR A 276 -26.58 13.95 16.24
C THR A 276 -25.45 14.21 15.25
N THR A 277 -25.39 15.44 14.73
CA THR A 277 -24.43 15.76 13.62
C THR A 277 -23.07 16.13 14.17
N ARG A 278 -22.03 15.41 13.74
CA ARG A 278 -20.73 15.66 14.21
C ARG A 278 -20.00 16.51 13.14
N LEU A 279 -19.44 17.64 13.59
CA LEU A 279 -18.78 18.58 12.66
C LEU A 279 -17.32 18.75 13.02
N LEU A 280 -16.43 18.90 12.01
CA LEU A 280 -15.02 19.17 12.27
C LEU A 280 -14.64 20.48 11.64
N ASP A 281 -13.58 21.09 12.17
CA ASP A 281 -12.99 22.22 11.46
C ASP A 281 -11.54 22.35 11.98
N ASN A 282 -10.74 23.12 11.30
CA ASN A 282 -9.33 23.26 11.77
C ASN A 282 -8.77 24.52 11.14
N ILE A 283 -7.69 25.04 11.75
CA ILE A 283 -7.07 26.26 11.21
C ILE A 283 -5.56 26.22 11.52
N ALA A 284 -4.82 26.92 10.66
CA ALA A 284 -3.39 27.21 10.84
C ALA A 284 -3.29 28.22 11.99
N ILE A 285 -2.30 28.04 12.84
CA ILE A 285 -2.09 28.91 14.02
C ILE A 285 -0.59 29.26 13.99
N GLU A 286 -0.27 30.55 14.10
CA GLU A 286 1.13 31.00 14.29
C GLU A 286 1.28 31.56 15.69
N ILE A 287 2.11 30.95 16.51
CA ILE A 287 2.24 31.38 17.89
C ILE A 287 3.20 32.59 18.02
N GLY A 288 2.78 33.64 18.73
CA GLY A 288 3.60 34.82 19.00
C GLY A 288 3.90 35.65 17.76
N THR A 289 5.15 36.09 17.63
CA THR A 289 5.65 36.66 16.36
C THR A 289 6.11 35.46 15.47
N PHE A 290 5.61 35.40 14.23
CA PHE A 290 4.68 36.38 13.66
C PHE A 290 3.29 35.76 13.38
N ALA A 291 2.25 36.33 14.03
CA ALA A 291 0.80 36.15 13.69
C ALA A 291 -0.11 35.62 14.85
N GLY A 292 -1.44 35.82 14.78
CA GLY A 292 -2.14 36.60 13.71
C GLY A 292 -2.58 35.79 12.49
N MET B 1 15.05 16.27 -11.61
CA MET B 1 15.24 16.96 -12.94
C MET B 1 16.15 16.17 -13.91
N ALA B 2 17.46 16.07 -13.63
CA ALA B 2 18.40 15.35 -14.51
C ALA B 2 18.58 13.88 -14.07
N ILE B 3 18.30 12.94 -14.99
CA ILE B 3 18.40 11.49 -14.76
C ILE B 3 19.84 11.08 -14.32
N PRO B 4 20.01 10.22 -13.28
CA PRO B 4 21.39 9.74 -12.96
C PRO B 4 22.10 9.03 -14.12
N ALA B 5 23.44 8.94 -14.10
CA ALA B 5 24.15 8.21 -15.17
C ALA B 5 23.75 6.72 -15.19
N PHE B 6 23.57 6.22 -16.40
CA PHE B 6 23.29 4.80 -16.62
C PHE B 6 24.13 4.40 -17.77
N HIS B 7 25.03 3.44 -17.55
CA HIS B 7 25.91 2.88 -18.60
C HIS B 7 25.41 1.49 -19.04
N PRO B 8 24.80 1.43 -20.24
CA PRO B 8 24.27 0.17 -20.76
C PRO B 8 25.34 -0.89 -20.81
N GLY B 9 24.92 -2.13 -20.53
CA GLY B 9 25.82 -3.25 -20.46
C GLY B 9 26.81 -3.34 -19.32
N GLU B 10 26.79 -2.42 -18.36
CA GLU B 10 27.63 -2.61 -17.16
C GLU B 10 26.67 -2.70 -15.94
N LEU B 11 27.22 -3.10 -14.80
CA LEU B 11 26.45 -3.10 -13.55
C LEU B 11 26.42 -1.72 -12.91
N ASN B 12 25.26 -1.07 -12.93
CA ASN B 12 25.10 0.27 -12.40
C ASN B 12 24.51 0.13 -11.02
N VAL B 13 25.23 0.58 -10.00
CA VAL B 13 24.78 0.38 -8.62
C VAL B 13 24.23 1.67 -8.08
N TYR B 14 23.00 1.65 -7.56
CA TYR B 14 22.38 2.82 -6.96
C TYR B 14 21.93 2.50 -5.55
N SER B 15 22.18 3.41 -4.63
CA SER B 15 21.70 3.20 -3.25
C SER B 15 20.52 4.08 -2.83
N ALA B 16 20.38 5.22 -3.49
CA ALA B 16 19.28 6.16 -3.24
C ALA B 16 18.03 5.68 -4.02
N PRO B 17 16.90 5.51 -3.30
CA PRO B 17 15.64 5.13 -3.95
C PRO B 17 15.29 6.09 -5.10
N GLY B 18 15.46 7.40 -4.91
CA GLY B 18 15.07 8.31 -5.97
C GLY B 18 15.94 8.10 -7.18
N ASP B 19 17.19 7.72 -6.98
CA ASP B 19 18.08 7.45 -8.13
C ASP B 19 17.58 6.25 -8.98
N VAL B 20 17.30 5.12 -8.35
N VAL B 20 17.29 5.14 -8.30
CA VAL B 20 16.85 3.97 -9.16
CA VAL B 20 16.77 3.94 -8.98
C VAL B 20 15.45 4.25 -9.76
C VAL B 20 15.45 4.22 -9.70
N ALA B 21 14.62 5.01 -9.05
CA ALA B 21 13.28 5.30 -9.57
C ALA B 21 13.45 6.12 -10.85
N ASP B 22 14.34 7.11 -10.80
CA ASP B 22 14.49 7.97 -11.99
C ASP B 22 15.08 7.22 -13.17
N VAL B 23 16.04 6.35 -12.94
CA VAL B 23 16.66 5.61 -14.03
C VAL B 23 15.72 4.55 -14.57
N SER B 24 14.92 3.92 -13.69
CA SER B 24 13.94 2.98 -14.14
C SER B 24 12.88 3.68 -15.00
N ARG B 25 12.37 4.83 -14.55
CA ARG B 25 11.36 5.55 -15.33
C ARG B 25 11.94 5.96 -16.71
N ALA B 26 13.15 6.49 -16.71
CA ALA B 26 13.79 6.88 -17.99
C ALA B 26 14.02 5.69 -18.97
N LEU B 27 14.47 4.51 -18.48
CA LEU B 27 14.68 3.34 -19.32
C LEU B 27 13.32 2.81 -19.86
N ARG B 28 12.30 2.83 -19.02
CA ARG B 28 10.98 2.36 -19.43
C ARG B 28 10.47 3.23 -20.60
N LEU B 29 10.73 4.52 -20.55
CA LEU B 29 10.32 5.47 -21.61
C LEU B 29 11.06 5.31 -22.92
N THR B 30 12.19 4.64 -22.88
CA THR B 30 12.96 4.34 -24.08
C THR B 30 12.59 2.97 -24.62
N GLY B 31 11.58 2.30 -24.05
CA GLY B 31 11.22 1.01 -24.65
C GLY B 31 11.53 -0.23 -23.80
N ARG B 32 12.49 -0.14 -22.88
CA ARG B 32 12.94 -1.31 -22.12
C ARG B 32 11.84 -1.77 -21.20
N ARG B 33 11.82 -3.08 -20.92
N ARG B 33 11.84 -3.06 -20.87
CA ARG B 33 10.90 -3.67 -19.91
CA ARG B 33 10.89 -3.57 -19.88
C ARG B 33 11.70 -3.89 -18.64
C ARG B 33 11.62 -3.96 -18.62
N VAL B 34 11.26 -3.27 -17.54
CA VAL B 34 11.99 -3.32 -16.28
C VAL B 34 11.61 -4.56 -15.53
N MET B 35 12.59 -5.39 -15.16
CA MET B 35 12.31 -6.65 -14.47
C MET B 35 12.93 -6.50 -13.10
N LEU B 36 12.21 -6.83 -12.01
CA LEU B 36 12.80 -6.63 -10.68
C LEU B 36 12.93 -8.00 -10.02
N VAL B 37 14.14 -8.26 -9.45
CA VAL B 37 14.46 -9.49 -8.74
C VAL B 37 14.86 -9.07 -7.30
N PRO B 38 13.93 -9.12 -6.35
CA PRO B 38 14.21 -8.69 -4.95
C PRO B 38 14.95 -9.76 -4.17
N THR B 39 16.03 -9.33 -3.51
CA THR B 39 16.80 -10.33 -2.78
C THR B 39 17.29 -9.75 -1.50
N MET B 40 17.77 -10.64 -0.64
CA MET B 40 18.43 -10.20 0.57
C MET B 40 19.95 -10.40 0.48
N GLY B 41 20.49 -10.42 -0.75
CA GLY B 41 21.93 -10.65 -0.95
C GLY B 41 22.33 -12.08 -0.50
N ALA B 42 23.62 -12.27 -0.22
CA ALA B 42 24.22 -13.61 -0.05
C ALA B 42 23.74 -14.53 -1.21
N LEU B 43 24.02 -14.09 -2.43
CA LEU B 43 23.44 -14.71 -3.63
C LEU B 43 24.00 -16.11 -3.90
N HIS B 44 23.12 -17.06 -4.20
CA HIS B 44 23.52 -18.39 -4.67
C HIS B 44 22.76 -18.74 -5.97
N GLU B 45 22.95 -19.96 -6.49
CA GLU B 45 22.31 -20.34 -7.79
C GLU B 45 20.82 -20.20 -7.81
N GLY B 46 20.20 -20.32 -6.63
CA GLY B 46 18.74 -20.09 -6.51
C GLY B 46 18.35 -18.66 -6.94
N HIS B 47 19.11 -17.68 -6.50
CA HIS B 47 18.89 -16.32 -6.94
C HIS B 47 19.24 -16.14 -8.41
N LEU B 48 20.31 -16.76 -8.91
CA LEU B 48 20.66 -16.52 -10.33
C LEU B 48 19.61 -17.14 -11.24
N ALA B 49 18.93 -18.21 -10.84
CA ALA B 49 17.81 -18.63 -11.68
C ALA B 49 16.71 -17.59 -11.84
N LEU B 50 16.43 -16.79 -10.79
CA LEU B 50 15.49 -15.67 -10.92
C LEU B 50 16.07 -14.66 -11.92
N VAL B 51 17.37 -14.34 -11.77
CA VAL B 51 17.99 -13.38 -12.70
C VAL B 51 17.89 -13.88 -14.17
N ARG B 52 18.19 -15.16 -14.40
CA ARG B 52 18.12 -15.69 -15.78
C ARG B 52 16.73 -15.65 -16.35
N ALA B 53 15.71 -15.92 -15.52
CA ALA B 53 14.34 -15.83 -15.98
C ALA B 53 14.00 -14.41 -16.35
N ALA B 54 14.42 -13.44 -15.55
CA ALA B 54 14.12 -12.02 -15.87
C ALA B 54 14.86 -11.62 -17.17
N LYS B 55 16.10 -12.08 -17.32
CA LYS B 55 16.89 -11.71 -18.50
C LYS B 55 16.29 -12.19 -19.80
N ARG B 56 15.60 -13.31 -19.78
CA ARG B 56 15.11 -13.78 -21.07
C ARG B 56 13.88 -13.10 -21.69
N VAL B 57 13.20 -12.22 -20.92
CA VAL B 57 12.13 -11.41 -21.47
C VAL B 57 12.68 -10.43 -22.49
N PRO B 58 12.11 -10.39 -23.74
CA PRO B 58 12.68 -9.49 -24.75
C PRO B 58 12.64 -8.04 -24.29
N GLY B 59 13.74 -7.34 -24.48
CA GLY B 59 13.74 -5.92 -24.09
C GLY B 59 13.99 -5.66 -22.62
N SER B 60 14.35 -6.71 -21.91
CA SER B 60 14.50 -6.60 -20.42
C SER B 60 15.65 -5.71 -20.05
N VAL B 61 15.49 -4.99 -18.95
CA VAL B 61 16.62 -4.47 -18.20
C VAL B 61 16.36 -5.05 -16.78
N VAL B 62 17.40 -5.61 -16.15
CA VAL B 62 17.17 -6.37 -14.91
C VAL B 62 17.64 -5.54 -13.73
N VAL B 63 16.72 -5.33 -12.76
CA VAL B 63 17.08 -4.61 -11.53
C VAL B 63 17.11 -5.71 -10.47
N VAL B 64 18.25 -5.86 -9.77
CA VAL B 64 18.30 -6.77 -8.61
C VAL B 64 18.41 -5.90 -7.40
N SER B 65 17.50 -6.07 -6.40
CA SER B 65 17.60 -5.26 -5.19
C SER B 65 18.24 -6.19 -4.15
N ILE B 66 18.97 -5.54 -3.25
CA ILE B 66 19.56 -6.23 -2.13
C ILE B 66 19.24 -5.39 -0.89
N PHE B 67 18.51 -6.02 0.01
CA PHE B 67 18.07 -5.35 1.23
C PHE B 67 17.72 -6.38 2.27
N VAL B 68 18.23 -6.18 3.50
CA VAL B 68 17.79 -6.95 4.70
C VAL B 68 17.05 -6.06 5.71
N ASN B 69 15.86 -6.48 6.14
CA ASN B 69 15.03 -5.71 7.12
C ASN B 69 15.71 -5.68 8.48
N PRO B 70 15.67 -4.52 9.19
CA PRO B 70 16.02 -4.56 10.61
C PRO B 70 14.90 -5.26 11.41
N THR B 85 29.56 -10.60 1.95
CA THR B 85 30.19 -9.55 1.13
C THR B 85 29.22 -8.92 0.13
N PRO B 86 28.95 -7.58 0.27
CA PRO B 86 28.33 -6.76 -0.81
C PRO B 86 29.11 -6.93 -2.13
N ASP B 87 30.43 -6.91 -2.03
CA ASP B 87 31.35 -7.15 -3.16
C ASP B 87 31.13 -8.45 -3.95
N ASP B 88 31.05 -9.60 -3.24
CA ASP B 88 30.84 -10.89 -3.89
C ASP B 88 29.49 -10.97 -4.62
N ASP B 89 28.45 -10.44 -3.98
CA ASP B 89 27.14 -10.36 -4.66
C ASP B 89 27.19 -9.57 -5.94
N LEU B 90 27.81 -8.41 -5.88
CA LEU B 90 27.88 -7.52 -7.06
C LEU B 90 28.67 -8.19 -8.18
N ALA B 91 29.75 -8.87 -7.81
CA ALA B 91 30.48 -9.66 -8.82
C ALA B 91 29.64 -10.73 -9.46
N GLN B 92 28.82 -11.45 -8.70
CA GLN B 92 27.91 -12.42 -9.33
C GLN B 92 26.95 -11.74 -10.29
N LEU B 93 26.41 -10.59 -9.91
CA LEU B 93 25.44 -9.91 -10.83
C LEU B 93 26.14 -9.43 -12.12
N ARG B 94 27.34 -8.86 -11.96
CA ARG B 94 28.19 -8.47 -13.10
C ARG B 94 28.40 -9.65 -14.04
N ALA B 95 28.72 -10.83 -13.51
CA ALA B 95 28.95 -12.01 -14.35
C ALA B 95 27.67 -12.49 -15.00
N GLU B 96 26.50 -12.18 -14.41
CA GLU B 96 25.22 -12.47 -15.06
C GLU B 96 24.71 -11.48 -16.13
N GLY B 97 25.39 -10.35 -16.29
CA GLY B 97 24.95 -9.29 -17.27
C GLY B 97 23.77 -8.43 -16.75
N VAL B 98 23.59 -8.40 -15.44
CA VAL B 98 22.62 -7.54 -14.80
C VAL B 98 23.06 -6.08 -14.91
N GLU B 99 22.18 -5.21 -15.36
CA GLU B 99 22.59 -3.77 -15.48
C GLU B 99 22.31 -2.88 -14.28
N ILE B 100 21.42 -3.31 -13.36
CA ILE B 100 21.06 -2.41 -12.27
C ILE B 100 21.02 -3.21 -10.93
N ALA B 101 21.83 -2.76 -9.94
CA ALA B 101 21.72 -3.26 -8.59
C ALA B 101 21.19 -2.12 -7.72
N PHE B 102 20.22 -2.38 -6.84
CA PHE B 102 19.68 -1.33 -5.97
C PHE B 102 20.02 -1.79 -4.54
N THR B 103 20.87 -1.02 -3.84
CA THR B 103 21.40 -1.45 -2.52
C THR B 103 21.12 -0.38 -1.47
N PRO B 104 19.85 -0.17 -1.09
CA PRO B 104 19.53 0.93 -0.15
C PRO B 104 19.96 0.64 1.25
N THR B 105 20.21 1.70 2.02
CA THR B 105 20.42 1.48 3.43
C THR B 105 19.08 1.36 4.15
N THR B 106 19.17 0.92 5.41
CA THR B 106 17.98 0.91 6.29
C THR B 106 17.34 2.28 6.46
N ALA B 107 18.16 3.30 6.69
CA ALA B 107 17.64 4.62 6.85
C ALA B 107 17.03 5.17 5.53
N ALA B 108 17.52 4.73 4.37
CA ALA B 108 16.95 5.15 3.09
C ALA B 108 15.53 4.54 2.92
N MET B 109 15.38 3.34 3.42
CA MET B 109 14.10 2.63 3.24
C MET B 109 13.13 3.07 4.31
N TYR B 110 13.65 3.41 5.53
CA TYR B 110 12.77 3.78 6.63
C TYR B 110 13.08 5.19 7.22
N PRO B 111 12.99 6.27 6.42
CA PRO B 111 13.52 7.57 6.91
C PRO B 111 12.72 8.11 8.05
N ASP B 112 11.48 7.64 8.17
CA ASP B 112 10.62 8.04 9.26
C ASP B 112 10.37 6.91 10.24
N GLY B 113 11.21 5.88 10.21
CA GLY B 113 11.01 4.71 11.08
C GLY B 113 9.88 3.85 10.53
N LEU B 114 9.40 2.93 11.35
CA LEU B 114 8.30 2.04 10.97
C LEU B 114 7.00 2.82 11.30
N ARG B 115 6.21 3.13 10.27
CA ARG B 115 5.06 3.94 10.54
C ARG B 115 3.91 3.28 9.78
N THR B 116 3.66 3.69 8.52
CA THR B 116 2.57 3.00 7.81
C THR B 116 3.11 1.61 7.39
N THR B 117 2.28 0.55 7.48
CA THR B 117 2.75 -0.79 7.09
C THR B 117 1.64 -1.57 6.41
N VAL B 118 2.03 -2.69 5.77
CA VAL B 118 1.03 -3.52 5.12
C VAL B 118 0.61 -4.54 6.23
N GLN B 119 -0.67 -4.76 6.34
CA GLN B 119 -1.26 -5.80 7.19
C GLN B 119 -1.79 -6.94 6.26
N PRO B 120 -1.06 -8.06 6.19
CA PRO B 120 -1.49 -9.18 5.40
C PRO B 120 -2.83 -9.73 5.88
N GLY B 121 -3.48 -10.51 5.00
CA GLY B 121 -4.64 -11.29 5.44
C GLY B 121 -4.24 -12.47 6.35
N PRO B 122 -5.23 -13.27 6.67
CA PRO B 122 -5.05 -14.32 7.72
C PRO B 122 -4.07 -15.47 7.35
N LEU B 123 -3.80 -15.62 6.06
CA LEU B 123 -2.81 -16.62 5.66
C LEU B 123 -1.47 -16.30 6.34
N ALA B 124 -1.19 -15.02 6.62
CA ALA B 124 0.08 -14.68 7.23
C ALA B 124 0.24 -15.23 8.66
N ALA B 125 -0.83 -15.65 9.34
CA ALA B 125 -0.68 -16.19 10.70
C ALA B 125 -0.50 -17.71 10.68
N GLU B 126 -0.55 -18.32 9.51
CA GLU B 126 -0.47 -19.77 9.34
C GLU B 126 0.91 -20.22 8.95
N LEU B 127 1.20 -21.53 9.12
CA LEU B 127 2.49 -22.10 8.60
C LEU B 127 3.71 -21.32 9.11
N GLU B 128 4.47 -20.63 8.28
CA GLU B 128 5.65 -19.82 8.75
C GLU B 128 5.25 -18.75 9.77
N GLY B 129 3.98 -18.32 9.72
CA GLY B 129 3.45 -17.27 10.65
C GLY B 129 3.17 -17.77 12.06
N GLY B 130 3.12 -19.08 12.24
CA GLY B 130 3.14 -19.72 13.60
C GLY B 130 4.25 -19.23 14.52
N PRO B 131 5.50 -19.58 14.25
CA PRO B 131 6.62 -19.07 15.04
C PRO B 131 6.91 -17.56 14.82
N ARG B 132 6.60 -17.01 13.62
CA ARG B 132 6.94 -15.62 13.29
C ARG B 132 5.71 -14.82 12.84
N PRO B 133 4.83 -14.42 13.79
CA PRO B 133 3.56 -13.83 13.41
C PRO B 133 3.57 -12.43 12.75
N THR B 134 4.67 -11.71 12.86
CA THR B 134 4.82 -10.43 12.18
C THR B 134 5.75 -10.50 10.97
N HIS B 135 6.24 -11.71 10.63
CA HIS B 135 7.31 -11.85 9.64
C HIS B 135 6.73 -11.35 8.30
N PHE B 136 5.55 -11.85 7.94
CA PHE B 136 5.07 -11.42 6.61
C PHE B 136 4.67 -9.98 6.46
N ALA B 137 4.11 -9.36 7.49
CA ALA B 137 3.86 -7.91 7.42
C ALA B 137 5.18 -7.17 7.06
N GLY B 138 6.31 -7.58 7.64
CA GLY B 138 7.60 -6.98 7.29
C GLY B 138 7.97 -7.18 5.82
N VAL B 139 7.87 -8.42 5.38
CA VAL B 139 8.15 -8.75 4.00
C VAL B 139 7.25 -7.96 3.01
N LEU B 140 5.92 -8.06 3.15
CA LEU B 140 5.00 -7.37 2.21
C LEU B 140 5.21 -5.86 2.23
N THR B 141 5.52 -5.26 3.39
CA THR B 141 5.85 -3.81 3.41
C THR B 141 7.03 -3.47 2.51
N VAL B 142 8.11 -4.27 2.58
CA VAL B 142 9.29 -3.95 1.79
C VAL B 142 9.01 -4.26 0.32
N VAL B 143 8.30 -5.32 0.08
CA VAL B 143 7.89 -5.69 -1.35
C VAL B 143 7.12 -4.56 -1.94
N LEU B 144 6.13 -4.05 -1.21
CA LEU B 144 5.33 -2.96 -1.77
C LEU B 144 6.19 -1.73 -2.05
N LYS B 145 7.08 -1.35 -1.15
CA LYS B 145 8.00 -0.19 -1.36
C LYS B 145 8.88 -0.40 -2.59
N LEU B 146 9.46 -1.58 -2.73
CA LEU B 146 10.35 -1.83 -3.89
C LEU B 146 9.54 -1.72 -5.19
N LEU B 147 8.30 -2.25 -5.19
CA LEU B 147 7.44 -2.14 -6.43
C LEU B 147 7.16 -0.67 -6.77
N GLN B 148 7.01 0.18 -5.76
CA GLN B 148 6.66 1.59 -6.00
C GLN B 148 7.91 2.38 -6.46
N ILE B 149 9.05 1.96 -5.97
CA ILE B 149 10.34 2.70 -6.22
C ILE B 149 10.70 2.32 -7.64
N VAL B 150 10.64 1.02 -7.93
CA VAL B 150 11.19 0.52 -9.22
C VAL B 150 10.16 0.52 -10.32
N ARG B 151 8.89 0.32 -9.99
N ARG B 151 8.87 0.40 -9.99
CA ARG B 151 7.83 0.25 -11.00
CA ARG B 151 7.76 0.19 -10.98
C ARG B 151 8.22 -0.72 -12.16
C ARG B 151 8.09 -0.77 -12.16
N PRO B 152 8.47 -2.00 -11.84
CA PRO B 152 8.78 -3.02 -12.83
C PRO B 152 7.55 -3.48 -13.57
N ASP B 153 7.79 -3.96 -14.78
CA ASP B 153 6.74 -4.66 -15.49
C ASP B 153 6.49 -6.04 -14.88
N ARG B 154 7.55 -6.75 -14.44
CA ARG B 154 7.35 -8.08 -13.85
C ARG B 154 8.31 -8.16 -12.66
N VAL B 155 7.87 -8.88 -11.63
CA VAL B 155 8.70 -9.08 -10.44
C VAL B 155 8.79 -10.61 -10.23
N PHE B 156 9.99 -11.06 -9.87
CA PHE B 156 10.39 -12.48 -9.84
C PHE B 156 10.68 -12.90 -8.41
N PHE B 157 9.94 -13.94 -8.00
CA PHE B 157 10.19 -14.58 -6.70
C PHE B 157 10.30 -16.06 -6.84
N GLY B 158 11.03 -16.67 -5.89
CA GLY B 158 11.27 -18.11 -5.94
C GLY B 158 10.09 -18.82 -5.27
N GLU B 159 9.75 -19.94 -5.86
CA GLU B 159 8.80 -20.87 -5.23
C GLU B 159 9.31 -21.50 -3.95
N LYS B 160 10.61 -21.43 -3.71
CA LYS B 160 11.19 -21.89 -2.43
C LYS B 160 10.41 -21.29 -1.24
N ASP B 161 10.20 -19.98 -1.28
CA ASP B 161 9.37 -19.36 -0.23
C ASP B 161 7.92 -19.31 -0.73
N TYR B 162 7.23 -20.46 -0.73
CA TYR B 162 5.95 -20.52 -1.44
C TYR B 162 4.87 -19.66 -0.76
N GLN B 163 4.86 -19.71 0.55
CA GLN B 163 3.82 -19.01 1.27
C GLN B 163 4.04 -17.50 1.08
N GLN B 164 5.27 -17.03 1.08
CA GLN B 164 5.53 -15.67 0.72
C GLN B 164 5.03 -15.30 -0.68
N LEU B 165 5.29 -16.20 -1.62
CA LEU B 165 4.90 -15.91 -3.03
C LEU B 165 3.35 -15.75 -3.08
N VAL B 166 2.65 -16.64 -2.41
CA VAL B 166 1.17 -16.58 -2.38
C VAL B 166 0.67 -15.27 -1.75
N LEU B 167 1.31 -14.91 -0.62
CA LEU B 167 0.97 -13.63 0.01
C LEU B 167 1.26 -12.42 -0.87
N ILE B 168 2.35 -12.48 -1.64
CA ILE B 168 2.64 -11.37 -2.61
C ILE B 168 1.57 -11.34 -3.70
N ARG B 169 1.11 -12.49 -4.20
N ARG B 169 1.13 -12.51 -4.18
CA ARG B 169 0.01 -12.44 -5.18
CA ARG B 169 0.04 -12.53 -5.15
C ARG B 169 -1.24 -11.83 -4.55
C ARG B 169 -1.22 -11.85 -4.55
N GLN B 170 -1.49 -12.13 -3.28
CA GLN B 170 -2.63 -11.44 -2.57
C GLN B 170 -2.45 -9.94 -2.44
N LEU B 171 -1.23 -9.49 -2.09
CA LEU B 171 -0.89 -8.06 -2.06
C LEU B 171 -1.22 -7.42 -3.41
N VAL B 172 -0.69 -8.00 -4.49
CA VAL B 172 -0.84 -7.39 -5.79
C VAL B 172 -2.33 -7.35 -6.21
N ALA B 173 -3.08 -8.40 -5.92
CA ALA B 173 -4.47 -8.36 -6.29
C ALA B 173 -5.26 -7.36 -5.44
N ASP B 174 -4.99 -7.40 -4.14
CA ASP B 174 -5.80 -6.63 -3.19
C ASP B 174 -5.56 -5.15 -3.27
N PHE B 175 -4.36 -4.73 -3.73
CA PHE B 175 -4.03 -3.31 -3.84
C PHE B 175 -4.00 -2.84 -5.31
N ASN B 176 -4.45 -3.72 -6.24
CA ASN B 176 -4.63 -3.36 -7.68
C ASN B 176 -3.28 -2.93 -8.28
N LEU B 177 -2.21 -3.62 -7.85
CA LEU B 177 -0.88 -3.33 -8.41
C LEU B 177 -0.71 -3.82 -9.83
N ASP B 178 -0.17 -2.92 -10.64
CA ASP B 178 -0.04 -3.22 -12.07
C ASP B 178 1.37 -3.79 -12.24
N VAL B 179 1.60 -4.98 -11.77
CA VAL B 179 2.86 -5.67 -12.09
C VAL B 179 2.48 -7.13 -12.24
N ALA B 180 3.22 -7.86 -13.07
CA ALA B 180 3.02 -9.31 -13.19
C ALA B 180 3.94 -10.04 -12.23
N VAL B 181 3.39 -10.93 -11.40
CA VAL B 181 4.26 -11.66 -10.43
C VAL B 181 4.66 -12.99 -11.09
N VAL B 182 5.97 -13.34 -11.11
CA VAL B 182 6.47 -14.56 -11.77
C VAL B 182 7.09 -15.41 -10.69
N GLY B 183 6.56 -16.63 -10.53
CA GLY B 183 7.15 -17.56 -9.54
C GLY B 183 8.14 -18.44 -10.30
N VAL B 184 9.33 -18.66 -9.73
CA VAL B 184 10.37 -19.39 -10.46
C VAL B 184 10.65 -20.67 -9.65
N PRO B 185 10.68 -21.82 -10.30
CA PRO B 185 10.93 -23.10 -9.54
C PRO B 185 12.18 -23.12 -8.67
N THR B 186 12.09 -23.87 -7.57
CA THR B 186 13.22 -24.00 -6.64
C THR B 186 14.42 -24.66 -7.33
N VAL B 187 15.61 -24.11 -7.09
CA VAL B 187 16.85 -24.73 -7.57
C VAL B 187 17.30 -25.66 -6.44
N ARG B 188 17.77 -26.82 -6.85
CA ARG B 188 18.15 -27.86 -5.84
C ARG B 188 19.56 -28.35 -6.03
N GLU B 189 20.18 -28.72 -4.89
CA GLU B 189 21.46 -29.44 -4.94
C GLU B 189 21.23 -30.81 -5.60
N ALA B 190 22.36 -31.49 -5.90
CA ALA B 190 22.30 -32.69 -6.69
C ALA B 190 21.42 -33.77 -6.02
N ASP B 191 21.38 -33.79 -4.67
CA ASP B 191 20.52 -34.82 -4.04
C ASP B 191 19.08 -34.40 -3.77
N GLY B 192 18.76 -33.17 -4.21
CA GLY B 192 17.41 -32.65 -4.09
C GLY B 192 17.25 -31.60 -3.02
N LEU B 193 18.26 -31.43 -2.14
CA LEU B 193 18.04 -30.43 -1.09
C LEU B 193 17.81 -29.02 -1.74
N ALA B 194 16.77 -28.33 -1.31
CA ALA B 194 16.52 -27.02 -1.95
C ALA B 194 17.63 -26.04 -1.54
N MET B 195 18.11 -25.25 -2.49
CA MET B 195 19.24 -24.33 -2.12
C MET B 195 18.83 -23.25 -1.11
N SER B 196 19.72 -22.94 -0.16
CA SER B 196 19.48 -21.94 0.89
C SER B 196 20.82 -21.61 1.51
N SER B 197 21.03 -20.34 1.88
CA SER B 197 22.24 -19.97 2.60
C SER B 197 22.31 -20.67 3.94
N ARG B 198 21.18 -21.11 4.47
CA ARG B 198 21.21 -21.92 5.73
C ARG B 198 21.86 -23.27 5.58
N ASN B 199 21.96 -23.82 4.37
CA ASN B 199 22.49 -25.18 4.27
C ASN B 199 23.92 -25.36 4.79
N ARG B 200 24.71 -24.28 4.68
CA ARG B 200 26.14 -24.41 5.02
C ARG B 200 26.34 -24.56 6.53
N TYR B 201 25.31 -24.25 7.32
CA TYR B 201 25.39 -24.46 8.80
C TYR B 201 25.26 -25.92 9.23
N LEU B 202 24.71 -26.75 8.34
CA LEU B 202 24.46 -28.14 8.70
C LEU B 202 25.75 -28.94 8.82
N ASP B 203 25.91 -29.65 9.94
CA ASP B 203 27.01 -30.57 10.00
C ASP B 203 26.82 -31.82 9.14
N PRO B 204 27.79 -32.76 9.13
CA PRO B 204 27.59 -33.77 8.09
C PRO B 204 26.35 -34.68 8.38
N ALA B 205 26.13 -34.98 9.68
CA ALA B 205 24.97 -35.82 10.03
C ALA B 205 23.70 -35.05 9.63
N GLN B 206 23.65 -33.78 9.92
CA GLN B 206 22.44 -32.98 9.66
C GLN B 206 22.27 -32.86 8.15
N ARG B 207 23.40 -32.67 7.44
CA ARG B 207 23.25 -32.52 5.97
C ARG B 207 22.79 -33.79 5.29
N ALA B 208 23.23 -34.92 5.77
CA ALA B 208 22.76 -36.21 5.21
C ALA B 208 21.26 -36.38 5.50
N ALA B 209 20.83 -35.98 6.71
CA ALA B 209 19.39 -36.17 7.06
C ALA B 209 18.48 -35.19 6.31
N ALA B 210 19.02 -34.03 5.96
CA ALA B 210 18.19 -32.94 5.35
C ALA B 210 17.62 -33.34 4.01
N VAL B 211 18.21 -34.33 3.34
N VAL B 211 18.23 -34.33 3.37
CA VAL B 211 17.65 -34.80 2.04
CA VAL B 211 17.69 -34.87 2.11
C VAL B 211 16.28 -35.45 2.24
C VAL B 211 16.25 -35.32 2.27
N ALA B 212 15.91 -35.73 3.48
CA ALA B 212 14.58 -36.31 3.76
C ALA B 212 13.46 -35.33 3.37
N LEU B 213 13.68 -34.02 3.45
CA LEU B 213 12.58 -33.06 3.11
C LEU B 213 12.20 -33.21 1.61
N SER B 214 13.18 -33.09 0.72
CA SER B 214 12.86 -33.20 -0.68
C SER B 214 12.42 -34.59 -1.09
N ALA B 215 13.00 -35.62 -0.47
CA ALA B 215 12.70 -37.06 -0.80
C ALA B 215 11.25 -37.30 -0.37
N ALA B 216 10.82 -36.70 0.75
CA ALA B 216 9.48 -36.93 1.28
C ALA B 216 8.48 -36.28 0.29
N LEU B 217 8.83 -35.08 -0.17
CA LEU B 217 7.92 -34.32 -1.03
C LEU B 217 7.78 -34.98 -2.40
N THR B 218 8.89 -35.43 -2.97
N THR B 218 8.91 -35.42 -2.97
CA THR B 218 8.79 -36.05 -4.28
CA THR B 218 8.85 -36.04 -4.29
C THR B 218 8.04 -37.38 -4.16
C THR B 218 8.23 -37.44 -4.25
N ALA B 219 8.37 -38.13 -3.12
CA ALA B 219 7.69 -39.41 -2.87
C ALA B 219 6.16 -39.15 -2.84
N ALA B 220 5.77 -38.08 -2.12
CA ALA B 220 4.32 -37.76 -2.03
C ALA B 220 3.76 -37.36 -3.37
N ALA B 221 4.54 -36.66 -4.19
CA ALA B 221 3.95 -36.17 -5.41
C ALA B 221 3.69 -37.37 -6.37
N HIS B 222 4.52 -38.42 -6.30
CA HIS B 222 4.25 -39.66 -7.08
C HIS B 222 3.22 -40.58 -6.43
N ALA B 223 3.10 -40.55 -5.10
CA ALA B 223 2.19 -41.42 -4.46
C ALA B 223 0.78 -40.84 -4.72
N ALA B 224 0.70 -39.58 -5.18
CA ALA B 224 -0.63 -38.85 -5.21
C ALA B 224 -1.64 -39.43 -6.20
N THR B 225 -1.21 -40.34 -7.08
CA THR B 225 -2.19 -41.07 -7.96
C THR B 225 -3.08 -41.92 -7.13
N ALA B 226 -2.62 -42.32 -5.91
CA ALA B 226 -3.42 -43.08 -5.00
C ALA B 226 -4.26 -42.26 -3.98
N GLY B 227 -4.22 -40.95 -4.08
CA GLY B 227 -5.07 -40.07 -3.27
C GLY B 227 -4.24 -39.21 -2.35
N ALA B 228 -4.93 -38.29 -1.71
CA ALA B 228 -4.24 -37.30 -0.79
C ALA B 228 -3.67 -37.96 0.42
N GLN B 229 -4.41 -38.93 0.98
CA GLN B 229 -3.89 -39.52 2.17
C GLN B 229 -2.65 -40.41 1.91
N ALA B 230 -2.65 -41.13 0.79
CA ALA B 230 -1.42 -41.86 0.36
C ALA B 230 -0.21 -40.93 0.25
N ALA B 231 -0.41 -39.77 -0.31
CA ALA B 231 0.65 -38.75 -0.51
C ALA B 231 1.17 -38.35 0.85
N LEU B 232 0.26 -37.93 1.71
CA LEU B 232 0.73 -37.51 3.06
C LEU B 232 1.43 -38.64 3.80
N ASP B 233 0.87 -39.89 3.76
CA ASP B 233 1.47 -40.98 4.51
C ASP B 233 2.85 -41.34 3.93
N ALA B 234 3.02 -41.27 2.61
CA ALA B 234 4.32 -41.53 1.98
C ALA B 234 5.34 -40.43 2.47
N ALA B 235 4.95 -39.13 2.46
CA ALA B 235 5.89 -38.09 2.94
C ALA B 235 6.23 -38.32 4.44
N ARG B 236 5.24 -38.67 5.25
N ARG B 236 5.24 -38.66 5.25
CA ARG B 236 5.56 -38.81 6.70
CA ARG B 236 5.55 -38.85 6.70
C ARG B 236 6.43 -40.03 6.99
C ARG B 236 6.56 -39.99 6.87
N ALA B 237 6.34 -41.07 6.13
CA ALA B 237 7.25 -42.26 6.24
C ALA B 237 8.68 -41.87 5.98
N VAL B 238 8.90 -41.07 4.94
CA VAL B 238 10.26 -40.72 4.58
C VAL B 238 10.82 -39.83 5.72
N LEU B 239 10.04 -38.85 6.20
CA LEU B 239 10.56 -38.05 7.34
C LEU B 239 10.78 -38.87 8.60
N ASP B 240 9.90 -39.84 8.84
CA ASP B 240 10.11 -40.76 9.96
C ASP B 240 11.37 -41.64 9.86
N ALA B 241 11.96 -41.75 8.66
CA ALA B 241 13.17 -42.58 8.50
C ALA B 241 14.47 -41.78 8.79
N ALA B 242 14.32 -40.47 9.06
CA ALA B 242 15.49 -39.59 9.21
C ALA B 242 15.71 -39.32 10.70
N PRO B 243 16.99 -39.33 11.12
CA PRO B 243 17.21 -38.94 12.53
C PRO B 243 17.42 -37.42 12.70
N GLY B 244 17.04 -36.85 13.84
CA GLY B 244 17.33 -35.45 14.14
C GLY B 244 16.57 -34.46 13.27
N VAL B 245 15.43 -34.87 12.70
CA VAL B 245 14.64 -33.94 11.84
C VAL B 245 13.36 -33.68 12.56
N ALA B 246 13.30 -32.54 13.18
CA ALA B 246 12.09 -32.24 14.00
C ALA B 246 11.04 -31.53 13.12
N VAL B 247 9.98 -32.24 12.74
CA VAL B 247 9.07 -31.64 11.79
C VAL B 247 8.11 -30.62 12.44
N ASP B 248 8.13 -29.38 11.95
CA ASP B 248 7.22 -28.35 12.50
C ASP B 248 5.86 -28.45 11.88
N TYR B 249 5.82 -28.68 10.57
CA TYR B 249 4.51 -28.96 9.93
C TYR B 249 4.73 -29.71 8.62
N LEU B 250 3.67 -30.38 8.19
CA LEU B 250 3.67 -31.07 6.91
C LEU B 250 2.18 -30.94 6.49
N GLU B 251 1.90 -30.08 5.53
N GLU B 251 1.91 -30.11 5.49
CA GLU B 251 0.50 -29.80 5.19
CA GLU B 251 0.53 -29.72 5.20
C GLU B 251 0.26 -29.81 3.70
C GLU B 251 0.24 -29.76 3.71
N LEU B 252 -0.88 -30.39 3.30
CA LEU B 252 -1.29 -30.35 1.91
C LEU B 252 -2.39 -29.27 1.77
N ARG B 253 -2.24 -28.32 0.82
CA ARG B 253 -3.22 -27.21 0.69
C ARG B 253 -3.55 -27.04 -0.74
N ASP B 254 -4.56 -26.22 -1.09
CA ASP B 254 -4.74 -25.89 -2.47
C ASP B 254 -3.63 -24.96 -2.94
N ILE B 255 -3.55 -24.62 -4.24
CA ILE B 255 -2.40 -23.84 -4.65
C ILE B 255 -2.36 -22.42 -4.11
N GLY B 256 -3.52 -21.88 -3.70
CA GLY B 256 -3.57 -20.55 -3.06
C GLY B 256 -3.45 -20.66 -1.54
N LEU B 257 -3.14 -21.86 -1.03
CA LEU B 257 -2.95 -22.20 0.43
C LEU B 257 -4.22 -22.18 1.28
N GLY B 258 -5.37 -22.20 0.60
CA GLY B 258 -6.63 -22.57 1.26
C GLY B 258 -6.68 -24.07 1.49
N PRO B 259 -7.84 -24.57 1.94
CA PRO B 259 -8.01 -26.00 2.17
C PRO B 259 -7.90 -26.78 0.86
N MET B 260 -7.29 -27.95 0.94
CA MET B 260 -7.09 -28.83 -0.24
C MET B 260 -8.44 -29.28 -0.77
N PRO B 261 -8.73 -29.06 -2.08
CA PRO B 261 -10.03 -29.57 -2.55
C PRO B 261 -10.00 -31.11 -2.68
N LEU B 262 -11.19 -31.70 -2.88
CA LEU B 262 -11.31 -33.16 -3.00
C LEU B 262 -10.38 -33.78 -4.08
N ASN B 263 -10.23 -33.12 -5.23
CA ASN B 263 -9.02 -33.34 -6.03
C ASN B 263 -8.59 -32.08 -6.77
N GLY B 264 -7.69 -32.22 -7.74
CA GLY B 264 -7.17 -31.07 -8.45
C GLY B 264 -5.77 -30.81 -7.92
N SER B 265 -5.31 -29.59 -8.12
CA SER B 265 -3.95 -29.19 -7.85
C SER B 265 -3.87 -28.76 -6.44
N GLY B 266 -2.75 -29.06 -5.80
CA GLY B 266 -2.47 -28.59 -4.46
C GLY B 266 -0.98 -28.37 -4.28
N ARG B 267 -0.60 -28.08 -3.05
CA ARG B 267 0.83 -27.86 -2.79
C ARG B 267 1.00 -28.54 -1.45
N LEU B 268 2.10 -29.29 -1.32
CA LEU B 268 2.48 -29.90 -0.02
C LEU B 268 3.68 -29.13 0.50
N LEU B 269 3.61 -28.66 1.75
CA LEU B 269 4.65 -27.84 2.34
C LEU B 269 5.16 -28.55 3.57
N VAL B 270 6.44 -28.39 3.83
CA VAL B 270 7.05 -29.00 5.03
C VAL B 270 8.01 -28.00 5.64
N ALA B 271 8.18 -28.04 6.95
CA ALA B 271 9.23 -27.24 7.59
C ALA B 271 9.79 -28.08 8.70
N ALA B 272 11.12 -28.02 8.89
CA ALA B 272 11.70 -28.89 9.98
C ALA B 272 12.90 -28.21 10.60
N ARG B 273 13.22 -28.56 11.84
CA ARG B 273 14.42 -28.04 12.46
C ARG B 273 15.45 -29.15 12.60
N LEU B 274 16.69 -28.85 12.18
CA LEU B 274 17.82 -29.81 12.33
C LEU B 274 18.83 -29.06 13.19
N GLY B 275 18.92 -29.46 14.48
CA GLY B 275 19.75 -28.65 15.39
C GLY B 275 19.07 -27.30 15.52
N THR B 276 19.83 -26.24 15.24
CA THR B 276 19.29 -24.88 15.31
C THR B 276 18.86 -24.32 13.92
N THR B 277 18.93 -25.18 12.89
CA THR B 277 18.71 -24.68 11.55
C THR B 277 17.27 -25.07 11.11
N ARG B 278 16.47 -24.10 10.71
CA ARG B 278 15.12 -24.38 10.14
C ARG B 278 15.22 -24.44 8.62
N LEU B 279 14.76 -25.59 8.09
CA LEU B 279 14.68 -25.80 6.67
C LEU B 279 13.26 -25.87 6.17
N LEU B 280 13.00 -25.44 4.92
CA LEU B 280 11.56 -25.44 4.39
C LEU B 280 11.63 -26.10 3.01
N ASP B 281 10.56 -26.77 2.56
CA ASP B 281 10.52 -27.16 1.12
C ASP B 281 9.04 -27.28 0.81
N ASN B 282 8.72 -27.31 -0.50
CA ASN B 282 7.30 -27.49 -0.90
C ASN B 282 7.32 -28.02 -2.33
N ILE B 283 6.20 -28.64 -2.72
CA ILE B 283 6.07 -29.18 -4.09
C ILE B 283 4.62 -29.15 -4.60
N ALA B 284 4.47 -29.01 -5.92
CA ALA B 284 3.17 -29.21 -6.59
C ALA B 284 2.71 -30.65 -6.40
N ILE B 285 1.42 -30.80 -6.11
CA ILE B 285 0.80 -32.11 -5.97
C ILE B 285 -0.49 -32.12 -6.87
N GLU B 286 -0.75 -33.23 -7.56
CA GLU B 286 -2.00 -33.35 -8.36
C GLU B 286 -2.71 -34.56 -7.77
N ILE B 287 -3.88 -34.34 -7.23
CA ILE B 287 -4.55 -35.41 -6.46
C ILE B 287 -5.33 -36.34 -7.37
N GLY B 288 -4.89 -37.63 -7.37
CA GLY B 288 -5.36 -38.64 -8.32
C GLY B 288 -5.09 -38.22 -9.77
#